data_5C2M
#
_entry.id   5C2M
#
_cell.length_a   44.693
_cell.length_b   60.929
_cell.length_c   88.351
_cell.angle_alpha   90.00
_cell.angle_beta   90.00
_cell.angle_gamma   90.00
#
_symmetry.space_group_name_H-M   'P 21 21 21'
#
loop_
_entity.id
_entity.type
_entity.pdbx_description
1 polymer 'Predicted protein'
2 water water
#
_entity_poly.entity_id   1
_entity_poly.type   'polypeptide(L)'
_entity_poly.pdbx_seq_one_letter_code
;MHHHHHHSMVEPFNYIFAVSYDGELFKGSPPESAQASWLTSATRIGTKGWANFSHLLFNPDGTLYGVVNDKFYKGPTPHR
TSAEEWIAQATLIGDGGWGAFRFLFFDPHGVLYGVTEDKLYKREPPSSDEDHWLGSANLLGAEGWGDFEFLFFDPEGKLY
GVVNGKLHKGDPPKDRHDAWLGSSTLFKGELWGNFRHLFFTSNGHLCGAHDSFYKKSPPIGLDWLAHESNMVGHGGWHMF
KLLISPLPQK
;
_entity_poly.pdbx_strand_id   A
#
# COMPACT_ATOMS: atom_id res chain seq x y z
N PHE A 13 -19.49 -0.84 3.37
CA PHE A 13 -18.45 -1.62 4.12
C PHE A 13 -17.04 -1.61 3.45
N ASN A 14 -16.00 -1.27 4.23
CA ASN A 14 -14.60 -1.51 3.76
C ASN A 14 -13.68 -2.14 4.85
N TYR A 15 -12.47 -2.58 4.50
CA TYR A 15 -11.66 -3.43 5.42
C TYR A 15 -10.21 -3.03 5.38
N ILE A 16 -9.54 -3.25 6.51
CA ILE A 16 -8.09 -3.22 6.59
C ILE A 16 -7.66 -4.70 6.53
N PHE A 17 -6.54 -4.96 5.87
CA PHE A 17 -5.94 -6.32 5.83
C PHE A 17 -4.56 -6.20 6.48
N ALA A 18 -4.28 -7.07 7.47
CA ALA A 18 -3.09 -6.95 8.26
C ALA A 18 -2.34 -8.28 8.24
N VAL A 19 -1.05 -8.23 7.89
CA VAL A 19 -0.16 -9.38 7.99
C VAL A 19 0.60 -9.26 9.29
N SER A 20 0.50 -10.25 10.17
CA SER A 20 1.27 -10.18 11.38
C SER A 20 2.68 -10.78 11.22
N TYR A 21 3.49 -10.56 12.27
CA TYR A 21 4.85 -11.16 12.25
C TYR A 21 4.82 -12.63 12.55
N ASP A 22 3.67 -13.16 12.89
CA ASP A 22 3.50 -14.58 13.01
C ASP A 22 3.11 -15.19 11.63
N GLY A 23 2.96 -14.38 10.58
CA GLY A 23 2.69 -14.89 9.21
C GLY A 23 1.19 -15.12 9.03
N GLU A 24 0.36 -14.55 9.92
CA GLU A 24 -1.13 -14.64 9.75
C GLU A 24 -1.62 -13.41 9.03
N LEU A 25 -2.73 -13.56 8.32
CA LEU A 25 -3.35 -12.45 7.59
C LEU A 25 -4.76 -12.26 8.12
N PHE A 26 -5.06 -11.02 8.54
CA PHE A 26 -6.38 -10.70 9.15
C PHE A 26 -7.14 -9.68 8.29
N LYS A 27 -8.48 -9.77 8.30
CA LYS A 27 -9.35 -8.87 7.63
C LYS A 27 -10.30 -8.26 8.68
N GLY A 28 -10.41 -6.93 8.72
CA GLY A 28 -11.37 -6.36 9.66
C GLY A 28 -11.75 -4.97 9.33
N SER A 29 -12.85 -4.50 9.91
CA SER A 29 -13.33 -3.11 9.77
C SER A 29 -12.29 -2.14 10.31
N PRO A 30 -12.13 -0.98 9.63
CA PRO A 30 -11.07 -0.07 10.12
C PRO A 30 -11.31 0.32 11.59
N PRO A 31 -10.23 0.48 12.37
CA PRO A 31 -10.44 0.72 13.80
C PRO A 31 -11.03 2.10 14.06
N GLU A 32 -11.90 2.19 15.07
CA GLU A 32 -12.54 3.45 15.39
C GLU A 32 -12.44 3.76 16.86
N SER A 33 -12.06 2.77 17.64
CA SER A 33 -12.19 2.86 19.09
C SER A 33 -10.83 2.70 19.79
N ALA A 34 -10.29 3.81 20.30
CA ALA A 34 -8.89 3.81 20.78
C ALA A 34 -8.55 2.68 21.82
N GLN A 35 -9.52 2.32 22.65
CA GLN A 35 -9.29 1.28 23.61
C GLN A 35 -9.62 -0.12 23.15
N ALA A 36 -10.17 -0.24 21.96
CA ALA A 36 -10.54 -1.56 21.45
C ALA A 36 -9.35 -2.31 20.89
N SER A 37 -9.43 -3.63 21.00
CA SER A 37 -8.42 -4.49 20.47
C SER A 37 -8.89 -4.74 19.01
N TRP A 38 -8.15 -4.26 18.01
CA TRP A 38 -8.66 -4.47 16.63
C TRP A 38 -8.66 -5.96 16.24
N LEU A 39 -7.64 -6.71 16.71
CA LEU A 39 -7.61 -8.13 16.42
C LEU A 39 -8.81 -8.86 16.91
N THR A 40 -9.44 -8.42 18.04
CA THR A 40 -10.64 -9.13 18.55
C THR A 40 -11.80 -9.08 17.56
N SER A 41 -11.86 -7.99 16.79
CA SER A 41 -12.91 -7.76 15.83
C SER A 41 -12.60 -8.34 14.45
N ALA A 42 -11.38 -8.83 14.24
CA ALA A 42 -10.97 -9.26 12.90
C ALA A 42 -11.10 -10.79 12.65
N THR A 43 -11.09 -11.15 11.37
CA THR A 43 -11.21 -12.54 10.95
C THR A 43 -9.84 -12.96 10.35
N ARG A 44 -9.31 -14.11 10.76
CA ARG A 44 -8.08 -14.63 10.12
C ARG A 44 -8.40 -15.31 8.78
N ILE A 45 -7.94 -14.71 7.69
CA ILE A 45 -8.15 -15.31 6.38
C ILE A 45 -6.91 -15.99 5.79
N GLY A 46 -5.73 -15.71 6.36
CA GLY A 46 -4.46 -16.36 5.97
C GLY A 46 -3.81 -17.00 7.17
N THR A 47 -3.46 -18.29 7.08
CA THR A 47 -3.12 -19.03 8.31
C THR A 47 -1.64 -18.97 8.72
N LYS A 48 -0.77 -18.92 7.72
CA LYS A 48 0.68 -18.96 8.00
C LYS A 48 1.43 -18.59 6.73
N GLY A 49 2.68 -18.18 6.89
CA GLY A 49 3.55 -17.89 5.77
C GLY A 49 3.35 -16.51 5.12
N TRP A 50 2.35 -15.72 5.56
CA TRP A 50 2.06 -14.40 4.93
C TRP A 50 3.12 -13.28 5.12
N ALA A 51 4.03 -13.43 6.09
CA ALA A 51 5.07 -12.43 6.29
C ALA A 51 6.27 -12.72 5.36
N ASN A 52 6.16 -13.76 4.52
CA ASN A 52 7.26 -14.20 3.66
C ASN A 52 7.29 -13.42 2.37
N PHE A 53 6.27 -12.60 2.13
CA PHE A 53 6.23 -11.82 0.83
C PHE A 53 7.08 -10.55 0.99
N SER A 54 7.77 -10.13 -0.06
CA SER A 54 8.40 -8.79 -0.05
C SER A 54 7.35 -7.71 -0.30
N HIS A 55 6.30 -8.03 -1.05
CA HIS A 55 5.28 -7.08 -1.44
C HIS A 55 3.92 -7.78 -1.45
N LEU A 56 2.90 -7.06 -1.02
CA LEU A 56 1.52 -7.55 -1.04
C LEU A 56 0.60 -6.33 -1.29
N LEU A 57 -0.25 -6.45 -2.30
CA LEU A 57 -0.99 -5.29 -2.76
C LEU A 57 -2.31 -5.71 -3.41
N PHE A 58 -3.33 -4.89 -3.17
CA PHE A 58 -4.62 -5.07 -3.80
C PHE A 58 -4.80 -4.36 -5.14
N ASN A 59 -5.39 -5.09 -6.09
CA ASN A 59 -5.87 -4.47 -7.31
C ASN A 59 -7.28 -3.99 -6.93
N PRO A 60 -7.70 -2.80 -7.44
CA PRO A 60 -9.05 -2.35 -7.17
C PRO A 60 -10.15 -3.30 -7.68
N ASP A 61 -9.82 -4.27 -8.56
CA ASP A 61 -10.80 -5.26 -8.96
C ASP A 61 -10.97 -6.29 -7.88
N GLY A 62 -10.16 -6.18 -6.84
CA GLY A 62 -10.32 -7.03 -5.67
C GLY A 62 -9.40 -8.27 -5.67
N THR A 63 -8.56 -8.41 -6.70
CA THR A 63 -7.52 -9.46 -6.75
C THR A 63 -6.34 -9.04 -5.87
N LEU A 64 -5.73 -10.03 -5.22
CA LEU A 64 -4.55 -9.81 -4.44
C LEU A 64 -3.33 -10.12 -5.31
N TYR A 65 -2.30 -9.24 -5.26
CA TYR A 65 -1.06 -9.43 -6.00
C TYR A 65 0.05 -9.51 -4.96
N GLY A 66 1.05 -10.33 -5.24
CA GLY A 66 2.10 -10.47 -4.26
C GLY A 66 3.44 -10.78 -4.89
N VAL A 67 4.53 -10.30 -4.26
CA VAL A 67 5.89 -10.61 -4.74
C VAL A 67 6.51 -11.43 -3.62
N VAL A 68 7.01 -12.62 -3.96
CA VAL A 68 7.67 -13.50 -2.99
C VAL A 68 8.84 -14.18 -3.73
N ASN A 69 10.06 -14.09 -3.14
CA ASN A 69 11.27 -14.66 -3.78
C ASN A 69 11.49 -14.17 -5.21
N ASP A 70 11.34 -12.86 -5.39
CA ASP A 70 11.58 -12.18 -6.67
C ASP A 70 10.60 -12.54 -7.78
N LYS A 71 9.54 -13.27 -7.43
CA LYS A 71 8.48 -13.62 -8.42
C LYS A 71 7.12 -12.95 -8.05
N PHE A 72 6.31 -12.58 -9.07
CA PHE A 72 5.08 -11.78 -8.91
C PHE A 72 3.92 -12.67 -9.21
N TYR A 73 2.83 -12.57 -8.40
CA TYR A 73 1.68 -13.46 -8.49
C TYR A 73 0.41 -12.71 -8.30
N LYS A 74 -0.67 -13.28 -8.84
CA LYS A 74 -1.98 -12.72 -8.58
C LYS A 74 -2.98 -13.84 -8.30
N GLY A 75 -3.93 -13.60 -7.43
CA GLY A 75 -5.01 -14.58 -7.19
C GLY A 75 -6.09 -13.97 -6.30
N PRO A 76 -7.16 -14.73 -6.05
CA PRO A 76 -8.27 -14.23 -5.21
C PRO A 76 -7.81 -14.02 -3.76
N THR A 77 -8.47 -13.16 -3.02
CA THR A 77 -8.20 -13.06 -1.60
C THR A 77 -8.28 -14.41 -0.90
N PRO A 78 -7.33 -14.76 -0.03
CA PRO A 78 -7.45 -16.08 0.58
C PRO A 78 -8.65 -16.20 1.53
N HIS A 79 -9.11 -17.44 1.71
CA HIS A 79 -10.24 -17.79 2.55
C HIS A 79 -9.75 -18.95 3.44
N ARG A 80 -9.02 -18.60 4.48
CA ARG A 80 -8.38 -19.54 5.41
C ARG A 80 -7.35 -20.44 4.76
N THR A 81 -6.33 -19.82 4.14
CA THR A 81 -5.37 -20.47 3.27
C THR A 81 -3.96 -20.14 3.78
N SER A 82 -3.01 -21.08 3.71
CA SER A 82 -1.60 -20.72 3.87
C SER A 82 -1.06 -19.92 2.67
N ALA A 83 0.05 -19.17 2.89
CA ALA A 83 0.70 -18.47 1.80
C ALA A 83 1.14 -19.49 0.73
N GLU A 84 1.62 -20.67 1.18
CA GLU A 84 2.07 -21.75 0.26
C GLU A 84 0.93 -22.26 -0.66
N GLU A 85 -0.23 -22.50 -0.08
CA GLU A 85 -1.40 -22.92 -0.86
C GLU A 85 -1.78 -21.80 -1.85
N TRP A 86 -1.77 -20.57 -1.36
CA TRP A 86 -2.16 -19.46 -2.23
C TRP A 86 -1.24 -19.28 -3.46
N ILE A 87 0.08 -19.21 -3.20
CA ILE A 87 1.10 -19.13 -4.26
C ILE A 87 0.95 -20.30 -5.26
N ALA A 88 0.86 -21.52 -4.72
CA ALA A 88 0.73 -22.70 -5.59
C ALA A 88 -0.46 -22.54 -6.57
N GLN A 89 -1.59 -22.04 -6.08
CA GLN A 89 -2.75 -21.75 -6.92
C GLN A 89 -2.81 -20.44 -7.70
N ALA A 90 -1.85 -19.53 -7.47
CA ALA A 90 -1.95 -18.17 -8.04
C ALA A 90 -1.42 -18.22 -9.48
N THR A 91 -1.78 -17.24 -10.32
CA THR A 91 -1.13 -17.09 -11.63
C THR A 91 0.21 -16.39 -11.47
N LEU A 92 1.29 -17.03 -11.93
CA LEU A 92 2.61 -16.42 -11.99
C LEU A 92 2.58 -15.37 -13.08
N ILE A 93 2.89 -14.11 -12.75
CA ILE A 93 2.84 -13.05 -13.74
C ILE A 93 4.21 -12.30 -13.85
N GLY A 94 5.24 -12.79 -13.21
CA GLY A 94 6.56 -12.15 -13.32
C GLY A 94 7.59 -12.99 -12.60
N ASP A 95 8.81 -13.01 -13.10
CA ASP A 95 9.85 -13.84 -12.52
C ASP A 95 11.16 -13.10 -12.76
N GLY A 96 11.72 -12.50 -11.72
CA GLY A 96 13.00 -11.81 -11.78
C GLY A 96 12.82 -10.30 -11.82
N GLY A 97 13.53 -9.58 -10.97
CA GLY A 97 13.43 -8.12 -10.90
C GLY A 97 12.42 -7.48 -9.93
N TRP A 98 11.41 -8.24 -9.49
CA TRP A 98 10.27 -7.66 -8.76
C TRP A 98 10.58 -7.33 -7.32
N GLY A 99 11.47 -8.13 -6.73
CA GLY A 99 11.84 -7.93 -5.31
C GLY A 99 12.55 -6.61 -5.11
N ALA A 100 13.22 -6.10 -6.14
CA ALA A 100 13.92 -4.85 -6.08
C ALA A 100 13.03 -3.56 -6.13
N PHE A 101 11.74 -3.67 -6.48
CA PHE A 101 10.84 -2.49 -6.51
C PHE A 101 10.70 -1.87 -5.12
N ARG A 102 11.08 -0.60 -4.98
CA ARG A 102 10.90 0.09 -3.71
C ARG A 102 9.40 0.27 -3.37
N PHE A 103 8.59 0.57 -4.40
CA PHE A 103 7.13 0.70 -4.24
C PHE A 103 6.49 -0.04 -5.43
N LEU A 104 5.37 -0.71 -5.19
CA LEU A 104 4.56 -1.35 -6.26
C LEU A 104 3.12 -1.17 -5.74
N PHE A 105 2.24 -0.60 -6.57
CA PHE A 105 0.97 -0.16 -6.05
C PHE A 105 0.07 0.24 -7.23
N PHE A 106 -1.21 -0.06 -7.12
CA PHE A 106 -2.19 0.24 -8.14
C PHE A 106 -2.86 1.61 -7.94
N ASP A 107 -3.09 2.30 -9.05
CA ASP A 107 -4.10 3.40 -9.03
C ASP A 107 -5.56 2.85 -9.04
N PRO A 108 -6.56 3.72 -8.81
CA PRO A 108 -7.97 3.30 -8.73
C PRO A 108 -8.46 2.67 -10.03
N HIS A 109 -7.72 2.89 -11.14
CA HIS A 109 -8.02 2.24 -12.44
C HIS A 109 -7.39 0.85 -12.66
N GLY A 110 -6.56 0.33 -11.76
CA GLY A 110 -5.99 -1.01 -11.93
C GLY A 110 -4.69 -0.90 -12.78
N VAL A 111 -4.17 0.32 -12.94
CA VAL A 111 -2.85 0.54 -13.62
C VAL A 111 -1.74 0.40 -12.56
N LEU A 112 -0.76 -0.43 -12.83
CA LEU A 112 0.31 -0.71 -11.89
C LEU A 112 1.40 0.38 -11.91
N TYR A 113 1.72 0.94 -10.74
CA TYR A 113 2.84 1.87 -10.59
C TYR A 113 3.95 1.23 -9.83
N GLY A 114 5.20 1.59 -10.16
CA GLY A 114 6.33 0.96 -9.52
C GLY A 114 7.50 1.90 -9.52
N VAL A 115 8.28 1.83 -8.45
CA VAL A 115 9.49 2.61 -8.33
C VAL A 115 10.63 1.62 -8.28
N THR A 116 11.60 1.76 -9.20
CA THR A 116 12.76 0.91 -9.22
C THR A 116 13.95 1.75 -9.71
N GLU A 117 15.09 1.58 -9.12
CA GLU A 117 16.26 2.31 -9.54
C GLU A 117 16.03 3.81 -9.65
N ASP A 118 15.40 4.33 -8.65
CA ASP A 118 15.14 5.76 -8.49
C ASP A 118 14.11 6.35 -9.45
N LYS A 119 13.44 5.51 -10.25
CA LYS A 119 12.51 6.04 -11.26
C LYS A 119 11.09 5.60 -11.03
N LEU A 120 10.12 6.33 -11.57
CA LEU A 120 8.70 5.92 -11.43
C LEU A 120 8.13 5.53 -12.78
N TYR A 121 7.51 4.36 -12.85
CA TYR A 121 6.93 3.85 -14.07
C TYR A 121 5.47 3.44 -13.86
N LYS A 122 4.60 3.53 -14.88
CA LYS A 122 3.26 2.89 -14.79
C LYS A 122 2.93 2.07 -16.03
N ARG A 123 2.06 1.09 -15.85
CA ARG A 123 1.59 0.29 -16.98
C ARG A 123 0.56 -0.70 -16.45
N GLU A 124 -0.32 -1.14 -17.36
CA GLU A 124 -1.15 -2.32 -17.09
C GLU A 124 -0.29 -3.40 -16.47
N PRO A 125 -0.79 -4.08 -15.42
CA PRO A 125 0.04 -5.15 -14.77
C PRO A 125 0.37 -6.25 -15.78
N PRO A 126 1.44 -7.04 -15.56
CA PRO A 126 1.67 -8.20 -16.46
C PRO A 126 0.46 -9.16 -16.19
N SER A 127 -0.07 -9.90 -17.15
CA SER A 127 -0.36 -11.31 -16.90
C SER A 127 0.39 -12.55 -17.22
N SER A 128 1.66 -12.43 -17.54
CA SER A 128 2.47 -13.62 -17.52
C SER A 128 3.93 -13.23 -17.36
N ASP A 129 4.75 -14.15 -16.88
CA ASP A 129 6.18 -13.90 -16.72
C ASP A 129 6.91 -13.70 -18.05
N GLU A 130 6.26 -14.03 -19.17
CA GLU A 130 6.83 -13.66 -20.51
C GLU A 130 6.69 -12.20 -20.88
N ASP A 131 5.80 -11.51 -20.16
CA ASP A 131 5.54 -10.13 -20.45
C ASP A 131 6.60 -9.29 -19.73
N HIS A 132 7.59 -8.76 -20.46
CA HIS A 132 8.62 -7.98 -19.76
C HIS A 132 8.06 -6.59 -19.41
N TRP A 133 7.65 -6.42 -18.17
CA TRP A 133 6.81 -5.28 -17.80
C TRP A 133 7.54 -3.94 -18.03
N LEU A 134 8.76 -3.81 -17.51
CA LEU A 134 9.51 -2.58 -17.75
C LEU A 134 9.74 -2.27 -19.24
N GLY A 135 9.81 -3.31 -20.05
CA GLY A 135 10.02 -3.15 -21.51
C GLY A 135 9.01 -2.25 -22.24
N SER A 136 7.77 -2.17 -21.74
CA SER A 136 6.78 -1.28 -22.37
C SER A 136 6.11 -0.39 -21.34
N ALA A 137 6.72 -0.26 -20.16
CA ALA A 137 6.12 0.61 -19.13
C ALA A 137 6.35 2.10 -19.48
N ASN A 138 5.46 2.97 -18.99
CA ASN A 138 5.55 4.43 -19.18
C ASN A 138 6.39 5.07 -18.09
N LEU A 139 7.49 5.72 -18.52
CA LEU A 139 8.39 6.37 -17.58
C LEU A 139 7.73 7.68 -17.14
N LEU A 140 7.54 7.83 -15.83
CA LEU A 140 6.84 8.99 -15.34
C LEU A 140 7.80 9.96 -14.68
N GLY A 141 8.95 9.47 -14.19
CA GLY A 141 9.84 10.32 -13.41
C GLY A 141 11.18 9.66 -13.46
N ALA A 142 12.15 10.39 -14.00
CA ALA A 142 13.51 9.92 -14.24
C ALA A 142 14.44 9.90 -13.02
N GLU A 143 14.07 10.53 -11.93
CA GLU A 143 14.96 10.61 -10.79
C GLU A 143 14.24 11.06 -9.51
N GLY A 144 14.77 10.65 -8.38
CA GLY A 144 14.39 11.16 -7.05
C GLY A 144 13.34 10.31 -6.31
N TRP A 145 12.74 9.36 -7.01
CA TRP A 145 11.68 8.56 -6.44
C TRP A 145 12.17 7.56 -5.39
N GLY A 146 13.47 7.22 -5.41
CA GLY A 146 14.03 6.23 -4.49
C GLY A 146 14.21 6.80 -3.07
N ASP A 147 14.00 8.10 -2.91
CA ASP A 147 14.13 8.72 -1.58
C ASP A 147 12.80 8.80 -0.80
N PHE A 148 11.69 8.45 -1.45
CA PHE A 148 10.37 8.50 -0.79
C PHE A 148 10.25 7.41 0.27
N GLU A 149 9.56 7.70 1.36
CA GLU A 149 9.35 6.72 2.45
C GLU A 149 7.99 6.07 2.23
N PHE A 150 7.05 6.80 1.63
CA PHE A 150 5.70 6.26 1.24
C PHE A 150 5.29 6.88 -0.09
N LEU A 151 4.49 6.13 -0.85
CA LEU A 151 4.03 6.60 -2.12
C LEU A 151 2.78 5.78 -2.43
N PHE A 152 1.63 6.45 -2.53
CA PHE A 152 0.32 5.75 -2.55
C PHE A 152 -0.76 6.66 -3.08
N PHE A 153 -1.90 6.05 -3.41
CA PHE A 153 -3.01 6.77 -4.05
C PHE A 153 -4.15 6.91 -3.04
N ASP A 154 -5.00 7.92 -3.23
CA ASP A 154 -6.33 7.90 -2.57
C ASP A 154 -7.36 7.32 -3.58
N PRO A 155 -8.64 7.16 -3.14
CA PRO A 155 -9.67 6.56 -4.04
C PRO A 155 -9.92 7.47 -5.25
N GLU A 156 -9.62 8.76 -5.11
CA GLU A 156 -9.81 9.70 -6.24
C GLU A 156 -8.66 9.67 -7.29
N GLY A 157 -7.59 8.95 -6.96
CA GLY A 157 -6.37 8.91 -7.82
C GLY A 157 -5.38 10.04 -7.69
N LYS A 158 -5.50 10.82 -6.61
CA LYS A 158 -4.46 11.71 -6.24
C LYS A 158 -3.28 10.91 -5.66
N LEU A 159 -2.06 11.31 -6.01
CA LEU A 159 -0.86 10.62 -5.51
C LEU A 159 -0.35 11.34 -4.24
N TYR A 160 0.15 10.57 -3.27
CA TYR A 160 0.61 11.08 -1.94
C TYR A 160 2.03 10.57 -1.82
N GLY A 161 2.99 11.41 -1.44
CA GLY A 161 4.32 10.89 -1.23
C GLY A 161 4.92 11.50 -0.01
N VAL A 162 5.65 10.72 0.77
CA VAL A 162 6.39 11.27 1.92
C VAL A 162 7.86 11.31 1.59
N VAL A 163 8.47 12.49 1.74
CA VAL A 163 9.95 12.61 1.58
C VAL A 163 10.46 13.64 2.56
N ASN A 164 11.63 13.35 3.15
CA ASN A 164 12.16 14.15 4.26
C ASN A 164 11.11 14.41 5.34
N GLY A 165 10.34 13.36 5.66
CA GLY A 165 9.27 13.42 6.66
C GLY A 165 8.07 14.30 6.35
N LYS A 166 7.95 14.87 5.16
CA LYS A 166 6.82 15.72 4.83
C LYS A 166 5.89 15.00 3.83
N LEU A 167 4.60 15.25 3.96
CA LEU A 167 3.62 14.55 3.07
C LEU A 167 3.12 15.54 2.00
N HIS A 168 3.27 15.10 0.75
CA HIS A 168 2.89 15.87 -0.41
C HIS A 168 1.77 15.16 -1.15
N LYS A 169 0.82 15.91 -1.72
CA LYS A 169 -0.19 15.31 -2.63
C LYS A 169 -0.30 16.08 -3.94
N GLY A 170 -0.66 15.38 -5.01
CA GLY A 170 -0.76 16.04 -6.31
C GLY A 170 -1.24 15.00 -7.33
N ASP A 171 -1.89 15.46 -8.40
CA ASP A 171 -2.23 14.53 -9.50
C ASP A 171 -0.94 13.83 -9.89
N PRO A 172 -0.99 12.51 -10.18
CA PRO A 172 0.29 11.88 -10.58
C PRO A 172 0.92 12.49 -11.83
N PRO A 173 2.25 12.39 -11.97
CA PRO A 173 2.93 12.98 -13.12
C PRO A 173 2.56 12.15 -14.36
N LYS A 174 2.50 12.83 -15.51
CA LYS A 174 2.10 12.15 -16.74
C LYS A 174 3.31 11.72 -17.56
N ASP A 175 4.45 12.38 -17.39
CA ASP A 175 5.68 11.98 -18.07
C ASP A 175 6.85 12.60 -17.34
N ARG A 176 8.05 12.26 -17.76
CA ARG A 176 9.27 12.67 -17.07
C ARG A 176 9.45 14.16 -16.96
N HIS A 177 8.66 14.96 -17.69
CA HIS A 177 8.81 16.43 -17.61
C HIS A 177 7.87 17.13 -16.62
N ASP A 178 7.00 16.34 -15.96
CA ASP A 178 6.11 16.89 -14.91
C ASP A 178 6.98 16.95 -13.66
N ALA A 179 7.21 18.14 -13.11
CA ALA A 179 7.98 18.27 -11.85
C ALA A 179 7.02 18.05 -10.66
N TRP A 180 6.73 16.79 -10.33
CA TRP A 180 5.66 16.44 -9.38
C TRP A 180 5.84 17.11 -8.02
N LEU A 181 7.03 16.96 -7.44
CA LEU A 181 7.22 17.39 -6.03
C LEU A 181 7.10 18.92 -5.96
N GLY A 182 7.73 19.58 -6.95
CA GLY A 182 7.60 21.03 -7.17
C GLY A 182 6.19 21.62 -7.27
N SER A 183 5.25 20.90 -7.88
CA SER A 183 3.86 21.41 -8.01
C SER A 183 2.89 20.85 -6.94
N SER A 184 3.38 19.96 -6.08
CA SER A 184 2.48 19.29 -5.11
C SER A 184 2.02 20.24 -3.94
N THR A 185 0.96 19.81 -3.25
CA THR A 185 0.44 20.44 -2.03
C THR A 185 0.98 19.77 -0.79
N LEU A 186 1.43 20.62 0.15
CA LEU A 186 2.12 20.18 1.34
C LEU A 186 1.16 20.07 2.49
N PHE A 187 1.19 18.92 3.19
CA PHE A 187 0.51 18.82 4.51
C PHE A 187 1.32 19.57 5.55
N LYS A 188 0.66 19.96 6.65
CA LYS A 188 1.44 20.32 7.89
C LYS A 188 2.15 19.07 8.43
N GLY A 189 3.28 19.27 9.10
CA GLY A 189 3.93 18.21 9.88
C GLY A 189 5.23 17.77 9.25
N GLU A 190 6.22 17.41 10.08
CA GLU A 190 7.48 16.88 9.56
C GLU A 190 7.90 15.54 10.14
N LEU A 191 6.95 14.85 10.78
CA LEU A 191 7.17 13.52 11.31
C LEU A 191 6.44 12.35 10.58
N TRP A 192 6.04 12.60 9.34
CA TRP A 192 5.27 11.61 8.57
C TRP A 192 6.05 10.31 8.29
N GLY A 193 7.41 10.38 8.29
CA GLY A 193 8.26 9.20 8.17
C GLY A 193 8.32 8.34 9.43
N ASN A 194 7.76 8.82 10.53
CA ASN A 194 7.73 8.03 11.78
C ASN A 194 6.62 6.93 11.80
N PHE A 195 5.64 7.02 10.89
CA PHE A 195 4.68 5.92 10.68
C PHE A 195 5.34 4.70 10.03
N ARG A 196 4.87 3.50 10.37
CA ARG A 196 5.30 2.30 9.65
C ARG A 196 4.36 2.06 8.43
N HIS A 197 3.12 2.55 8.56
CA HIS A 197 2.06 2.33 7.56
C HIS A 197 1.36 3.65 7.39
N LEU A 198 1.06 4.00 6.14
CA LEU A 198 0.33 5.22 5.84
C LEU A 198 -0.37 5.03 4.51
N PHE A 199 -1.70 5.09 4.52
CA PHE A 199 -2.51 4.61 3.38
C PHE A 199 -3.95 5.08 3.57
N PHE A 200 -4.72 4.98 2.49
CA PHE A 200 -6.16 5.28 2.51
C PHE A 200 -7.01 4.00 2.60
N THR A 201 -8.15 4.07 3.31
CA THR A 201 -9.16 2.99 3.23
C THR A 201 -9.91 3.14 1.95
N SER A 202 -10.65 2.09 1.59
CA SER A 202 -11.51 2.12 0.41
C SER A 202 -12.39 3.40 0.42
N ASN A 203 -12.86 3.83 1.61
CA ASN A 203 -13.80 5.01 1.72
C ASN A 203 -13.09 6.32 1.98
N GLY A 204 -11.79 6.32 1.77
CA GLY A 204 -11.07 7.59 1.72
C GLY A 204 -10.63 8.12 3.07
N HIS A 205 -10.49 7.24 4.08
CA HIS A 205 -9.99 7.65 5.41
C HIS A 205 -8.48 7.55 5.39
N LEU A 206 -7.77 8.56 5.92
CA LEU A 206 -6.30 8.50 5.87
C LEU A 206 -5.83 7.79 7.14
N CYS A 207 -5.01 6.75 7.00
CA CYS A 207 -4.65 5.91 8.13
C CYS A 207 -3.14 5.96 8.30
N GLY A 208 -2.67 6.14 9.54
CA GLY A 208 -1.26 6.04 9.81
C GLY A 208 -1.04 5.30 11.10
N ALA A 209 -0.10 4.35 11.07
CA ALA A 209 0.12 3.48 12.25
C ALA A 209 1.61 3.25 12.51
N HIS A 210 1.95 3.21 13.79
CA HIS A 210 3.23 2.72 14.24
C HIS A 210 2.92 1.72 15.34
N ASP A 211 3.14 2.05 16.60
CA ASP A 211 2.49 1.22 17.66
C ASP A 211 1.02 1.55 17.86
N SER A 212 0.60 2.79 17.53
CA SER A 212 -0.77 3.23 17.66
C SER A 212 -1.27 3.54 16.26
N PHE A 213 -2.59 3.43 16.06
CA PHE A 213 -3.25 3.66 14.78
C PHE A 213 -4.08 4.98 14.84
N TYR A 214 -3.86 5.86 13.87
CA TYR A 214 -4.51 7.20 13.77
C TYR A 214 -5.28 7.19 12.48
N LYS A 215 -6.48 7.77 12.50
CA LYS A 215 -7.26 7.79 11.26
C LYS A 215 -8.03 9.07 11.18
N LYS A 216 -8.06 9.66 9.97
CA LYS A 216 -8.75 10.88 9.71
C LYS A 216 -9.85 10.59 8.73
N SER A 217 -11.11 10.83 9.14
CA SER A 217 -12.21 10.64 8.16
C SER A 217 -12.34 11.90 7.26
N PRO A 218 -12.94 11.75 6.08
CA PRO A 218 -13.02 12.89 5.14
C PRO A 218 -13.92 14.03 5.75
N PRO A 219 -13.63 15.29 5.44
CA PRO A 219 -12.55 15.75 4.57
C PRO A 219 -11.24 15.65 5.34
N ILE A 220 -10.17 15.21 4.67
CA ILE A 220 -8.90 14.99 5.28
C ILE A 220 -8.23 16.29 5.64
N GLY A 221 -8.40 17.32 4.78
CA GLY A 221 -7.75 18.61 5.05
C GLY A 221 -6.22 18.46 4.92
N LEU A 222 -5.47 19.33 5.62
CA LEU A 222 -4.01 19.35 5.52
C LEU A 222 -3.29 19.27 6.89
N ASP A 223 -4.05 19.00 7.95
CA ASP A 223 -3.50 18.93 9.29
C ASP A 223 -2.65 17.66 9.51
N TRP A 224 -1.78 17.79 10.50
CA TRP A 224 -1.02 16.69 11.05
C TRP A 224 -1.93 15.52 11.45
N LEU A 225 -1.62 14.31 10.99
CA LEU A 225 -2.45 13.13 11.33
C LEU A 225 -2.42 12.64 12.82
N ALA A 226 -1.23 12.56 13.40
CA ALA A 226 -1.01 11.83 14.64
C ALA A 226 -1.26 12.77 15.84
N HIS A 227 -2.50 13.23 15.94
CA HIS A 227 -3.00 14.06 17.02
C HIS A 227 -3.74 13.11 17.86
N GLU A 228 -3.71 13.35 19.14
CA GLU A 228 -4.53 12.63 20.10
C GLU A 228 -5.99 12.42 19.63
N SER A 229 -6.60 13.47 19.02
CA SER A 229 -7.99 13.37 18.53
C SER A 229 -8.26 12.37 17.36
N ASN A 230 -7.23 11.98 16.63
CA ASN A 230 -7.38 10.98 15.57
C ASN A 230 -6.98 9.55 15.99
N MET A 231 -6.55 9.35 17.23
CA MET A 231 -6.16 8.00 17.66
C MET A 231 -7.36 7.04 17.70
N VAL A 232 -7.25 5.93 16.96
CA VAL A 232 -8.32 4.89 16.95
C VAL A 232 -7.84 3.48 17.40
N GLY A 233 -6.55 3.37 17.78
CA GLY A 233 -6.02 2.09 18.31
C GLY A 233 -4.79 2.48 19.10
N HIS A 234 -4.90 2.50 20.43
CA HIS A 234 -3.82 2.93 21.31
C HIS A 234 -3.00 1.71 21.65
N GLY A 235 -1.85 1.58 20.99
CA GLY A 235 -0.90 0.47 21.32
C GLY A 235 -1.15 -0.82 20.56
N GLY A 236 -0.10 -1.61 20.40
CA GLY A 236 -0.24 -3.00 19.94
C GLY A 236 -0.10 -3.26 18.45
N TRP A 237 0.04 -2.20 17.66
CA TRP A 237 0.09 -2.32 16.19
C TRP A 237 1.47 -2.70 15.69
N HIS A 238 2.48 -2.69 16.57
CA HIS A 238 3.87 -3.10 16.23
C HIS A 238 3.88 -4.60 15.81
N MET A 239 2.85 -5.34 16.19
CA MET A 239 2.73 -6.74 15.74
C MET A 239 2.49 -6.98 14.20
N PHE A 240 2.08 -5.96 13.45
CA PHE A 240 1.83 -6.13 12.01
C PHE A 240 2.95 -5.65 11.15
N LYS A 241 3.39 -6.52 10.22
CA LYS A 241 4.39 -6.21 9.21
C LYS A 241 3.79 -5.34 8.15
N LEU A 242 2.54 -5.60 7.79
CA LEU A 242 1.87 -4.88 6.70
C LEU A 242 0.41 -4.60 7.05
N LEU A 243 -0.08 -3.37 6.75
CA LEU A 243 -1.52 -3.04 6.78
C LEU A 243 -1.85 -2.44 5.42
N ILE A 244 -2.82 -3.03 4.71
CA ILE A 244 -3.26 -2.54 3.39
C ILE A 244 -4.80 -2.49 3.29
N SER A 245 -5.28 -1.78 2.28
CA SER A 245 -6.70 -1.67 2.04
C SER A 245 -6.88 -1.43 0.53
N PRO A 246 -7.86 -2.10 -0.09
CA PRO A 246 -8.05 -1.92 -1.53
C PRO A 246 -8.72 -0.58 -1.83
N LEU A 247 -8.44 -0.01 -2.99
CA LEU A 247 -9.14 1.19 -3.43
C LEU A 247 -10.34 0.64 -4.19
N PRO A 248 -11.44 1.41 -4.31
CA PRO A 248 -12.46 0.89 -5.23
C PRO A 248 -12.11 1.19 -6.71
N GLN A 249 -12.75 0.42 -7.56
CA GLN A 249 -12.69 0.56 -9.05
C GLN A 249 -13.48 1.81 -9.61
#